data_1FVH
#
_entry.id   1FVH
#
_cell.length_a   49.125
_cell.length_b   123.183
_cell.length_c   63.891
_cell.angle_alpha   90.00
_cell.angle_beta   110.49
_cell.angle_gamma   90.00
#
_symmetry.space_group_name_H-M   'P 1 21 1'
#
loop_
_entity.id
_entity.type
_entity.pdbx_description
1 polymer SEC1
2 water water
#
_entity_poly.entity_id   1
_entity_poly.type   'polypeptide(L)'
_entity_poly.pdbx_seq_one_letter_code
;MALKTAVHEKIMNDVVLAVKKNAEWKVLIVDQLSMRMVSACCKMHEIMSEGITLVEDINRRREPLPLLEAVYLITPTEES
VKCLMADFQNPDNPQYRGAHIFFTEACPEELFKELCKSTTARFIKTLKEINIAFLPYESQIFSLDSPDTFQVYYNPSRAQ
GGIPNKERCAEQIATLCATLGEYPSVRYRSDFDENASFAQLVQQKLDAYRADDPTMGEGPQKDRSQLLILDRGFDPISPL
LHELTFQAMAYDLLPIENDVYKYVNTGGNEVPEKEVLLDEKDDLWVEMRHQHIAVVSQNVTKKLKQFADEKRMGTAADKA
GIKDLSQMLKKMPQYQKELSKYSTHLHLAEDCMKQYQQHVDKLCKVEQDLAMGTDADGEKIRDHMRNIVPILLDQKISAY
DKIRIILLYIIHKGGISEENLAKLVQHAHIPAEEKWIINDMQNLGVPIIQDGGRRKIPQPYHTHNRKERQADHTYQMSRW
TPYMKDIMEAAVEDKLDTRHYPFLNGGGPRPSCQQPVSVRYGHWHKDKGQASYKSGPRLIIFVVGGISYSEMRSAYEVTQ
TAKNNWEVILGSTHILTPEGLLRDLRKISNP
;
_entity_poly.pdbx_strand_id   A
#
# COMPACT_ATOMS: atom_id res chain seq x y z
N ALA A 2 -1.40 -12.31 -9.70
CA ALA A 2 -0.24 -13.21 -9.44
C ALA A 2 -0.08 -13.44 -7.93
N LEU A 3 0.00 -12.37 -7.16
CA LEU A 3 0.12 -12.47 -5.70
C LEU A 3 -1.28 -12.66 -5.18
N LYS A 4 -2.18 -11.83 -5.69
CA LYS A 4 -3.56 -11.84 -5.27
C LYS A 4 -4.20 -13.23 -5.27
N THR A 5 -3.80 -14.09 -6.21
CA THR A 5 -4.39 -15.42 -6.24
C THR A 5 -3.75 -16.35 -5.22
N ALA A 6 -2.42 -16.30 -5.11
CA ALA A 6 -1.69 -17.15 -4.16
C ALA A 6 -2.44 -17.19 -2.82
N VAL A 7 -3.00 -16.05 -2.44
CA VAL A 7 -3.76 -15.93 -1.20
C VAL A 7 -5.08 -16.68 -1.41
N HIS A 8 -5.77 -16.33 -2.49
CA HIS A 8 -7.03 -16.98 -2.83
C HIS A 8 -6.91 -18.47 -2.61
N GLU A 9 -5.78 -19.04 -3.02
CA GLU A 9 -5.56 -20.47 -2.90
C GLU A 9 -5.39 -21.00 -1.48
N LYS A 10 -4.74 -20.24 -0.62
CA LYS A 10 -4.56 -20.69 0.76
C LYS A 10 -5.94 -20.68 1.41
N ILE A 11 -6.70 -19.63 1.11
CA ILE A 11 -8.03 -19.51 1.67
C ILE A 11 -8.97 -20.62 1.18
N MET A 12 -9.12 -20.72 -0.14
CA MET A 12 -10.00 -21.70 -0.76
C MET A 12 -9.63 -23.15 -0.62
N ASN A 13 -8.36 -23.48 -0.78
CA ASN A 13 -7.97 -24.87 -0.68
C ASN A 13 -7.51 -25.31 0.69
N ASP A 14 -6.91 -24.40 1.44
CA ASP A 14 -6.39 -24.76 2.74
C ASP A 14 -7.29 -24.43 3.91
N VAL A 15 -8.44 -23.84 3.62
CA VAL A 15 -9.37 -23.52 4.68
C VAL A 15 -10.78 -23.97 4.27
N VAL A 16 -11.46 -23.19 3.41
CA VAL A 16 -12.82 -23.53 2.97
C VAL A 16 -13.00 -24.95 2.44
N LEU A 17 -12.15 -25.37 1.52
CA LEU A 17 -12.26 -26.71 0.96
C LEU A 17 -11.61 -27.78 1.81
N ALA A 18 -10.60 -27.39 2.59
CA ALA A 18 -9.88 -28.35 3.42
C ALA A 18 -10.78 -28.89 4.52
N VAL A 19 -11.77 -28.09 4.90
CA VAL A 19 -12.65 -28.49 5.98
C VAL A 19 -13.92 -29.20 5.51
N LYS A 20 -14.28 -29.00 4.24
CA LYS A 20 -15.47 -29.63 3.67
C LYS A 20 -15.37 -31.14 3.41
N LYS A 21 -15.89 -31.93 4.36
CA LYS A 21 -15.90 -33.40 4.26
C LYS A 21 -17.32 -33.82 3.83
N ASN A 22 -18.22 -32.85 3.73
CA ASN A 22 -19.60 -33.12 3.34
C ASN A 22 -20.49 -31.88 3.16
N ALA A 23 -21.77 -32.13 2.97
CA ALA A 23 -22.76 -31.09 2.69
C ALA A 23 -23.30 -30.28 3.86
N GLU A 24 -22.77 -30.49 5.05
CA GLU A 24 -23.27 -29.75 6.22
C GLU A 24 -22.89 -28.26 6.29
N TRP A 25 -23.87 -27.41 6.63
CA TRP A 25 -23.67 -25.98 6.76
C TRP A 25 -22.59 -25.71 7.82
N LYS A 26 -21.84 -24.62 7.64
CA LYS A 26 -20.79 -24.23 8.58
C LYS A 26 -20.83 -22.71 8.78
N VAL A 27 -20.10 -22.22 9.79
CA VAL A 27 -20.07 -20.79 10.05
C VAL A 27 -18.63 -20.25 10.00
N LEU A 28 -18.45 -19.14 9.33
CA LEU A 28 -17.13 -18.54 9.25
C LEU A 28 -17.00 -17.42 10.29
N ILE A 29 -16.11 -17.63 11.25
CA ILE A 29 -15.87 -16.66 12.31
C ILE A 29 -14.51 -15.98 12.10
N VAL A 30 -14.56 -14.71 11.69
CA VAL A 30 -13.34 -13.97 11.43
C VAL A 30 -13.15 -12.77 12.36
N ASP A 31 -12.01 -12.10 12.21
CA ASP A 31 -11.73 -10.90 12.99
C ASP A 31 -11.52 -9.78 11.98
N GLN A 32 -11.41 -8.56 12.50
CA GLN A 32 -11.22 -7.37 11.68
C GLN A 32 -10.22 -7.44 10.53
N LEU A 33 -8.99 -7.87 10.83
CA LEU A 33 -7.94 -7.96 9.81
C LEU A 33 -8.19 -9.11 8.83
N SER A 34 -8.29 -10.34 9.35
CA SER A 34 -8.51 -11.51 8.52
C SER A 34 -9.57 -11.25 7.47
N MET A 35 -10.72 -10.73 7.89
CA MET A 35 -11.81 -10.43 6.97
C MET A 35 -11.33 -9.60 5.79
N ARG A 36 -10.59 -8.54 6.07
CA ARG A 36 -10.07 -7.66 5.02
C ARG A 36 -9.28 -8.54 4.06
N MET A 37 -8.31 -9.22 4.63
CA MET A 37 -7.45 -10.11 3.90
C MET A 37 -8.29 -11.02 3.01
N VAL A 38 -9.38 -11.56 3.55
CA VAL A 38 -10.21 -12.46 2.77
C VAL A 38 -10.99 -11.77 1.66
N SER A 39 -11.51 -10.58 1.95
CA SER A 39 -12.28 -9.81 0.98
C SER A 39 -11.50 -9.56 -0.31
N ALA A 40 -10.25 -9.17 -0.16
CA ALA A 40 -9.36 -8.88 -1.28
C ALA A 40 -9.20 -9.99 -2.31
N CYS A 41 -8.92 -11.21 -1.86
CA CYS A 41 -8.69 -12.32 -2.77
C CYS A 41 -9.85 -13.28 -3.02
N CYS A 42 -10.96 -13.09 -2.32
CA CYS A 42 -12.10 -14.00 -2.52
C CYS A 42 -13.45 -13.34 -2.71
N LYS A 43 -14.21 -13.88 -3.66
CA LYS A 43 -15.55 -13.41 -3.96
C LYS A 43 -16.41 -14.02 -2.87
N MET A 44 -17.41 -13.29 -2.39
CA MET A 44 -18.25 -13.82 -1.33
C MET A 44 -18.91 -15.13 -1.66
N HIS A 45 -19.57 -15.21 -2.81
CA HIS A 45 -20.22 -16.47 -3.16
C HIS A 45 -19.23 -17.62 -3.19
N GLU A 46 -18.01 -17.38 -3.70
CA GLU A 46 -17.00 -18.43 -3.78
C GLU A 46 -16.90 -19.24 -2.50
N ILE A 47 -17.08 -18.57 -1.37
CA ILE A 47 -17.00 -19.19 -0.06
C ILE A 47 -18.38 -19.66 0.42
N MET A 48 -19.38 -18.82 0.21
CA MET A 48 -20.75 -19.08 0.63
C MET A 48 -21.43 -20.25 -0.09
N SER A 49 -20.84 -20.71 -1.20
CA SER A 49 -21.39 -21.80 -1.98
C SER A 49 -20.58 -23.06 -1.73
N GLU A 50 -19.76 -23.04 -0.69
CA GLU A 50 -18.91 -24.17 -0.35
C GLU A 50 -19.16 -24.66 1.06
N GLY A 51 -20.34 -24.38 1.61
CA GLY A 51 -20.65 -24.84 2.95
C GLY A 51 -20.78 -23.74 3.98
N ILE A 52 -20.17 -22.58 3.73
CA ILE A 52 -20.28 -21.49 4.67
C ILE A 52 -21.58 -20.80 4.37
N THR A 53 -22.41 -20.61 5.38
CA THR A 53 -23.71 -19.99 5.19
C THR A 53 -23.87 -18.67 5.94
N LEU A 54 -22.83 -18.25 6.63
CA LEU A 54 -22.92 -17.06 7.42
C LEU A 54 -21.55 -16.70 7.97
N VAL A 55 -21.25 -15.40 7.96
CA VAL A 55 -19.98 -14.93 8.47
C VAL A 55 -20.21 -14.03 9.68
N GLU A 56 -19.57 -14.38 10.79
CA GLU A 56 -19.67 -13.63 12.03
C GLU A 56 -18.37 -12.89 12.33
N ASP A 57 -18.43 -12.05 13.37
CA ASP A 57 -17.27 -11.31 13.85
C ASP A 57 -16.95 -11.98 15.17
N ILE A 58 -15.73 -12.49 15.28
CA ILE A 58 -15.30 -13.19 16.49
C ILE A 58 -15.55 -12.36 17.73
N ASN A 59 -15.44 -11.05 17.59
CA ASN A 59 -15.64 -10.13 18.69
C ASN A 59 -17.12 -10.04 19.07
N ARG A 60 -17.83 -9.04 18.55
CA ARG A 60 -19.25 -8.86 18.86
C ARG A 60 -19.99 -10.20 18.91
N ARG A 61 -20.12 -10.77 20.11
CA ARG A 61 -20.79 -12.06 20.28
C ARG A 61 -22.08 -12.23 19.48
N ARG A 62 -22.32 -13.47 19.06
CA ARG A 62 -23.49 -13.80 18.25
C ARG A 62 -24.26 -15.02 18.74
N GLU A 63 -25.31 -15.33 17.99
CA GLU A 63 -26.21 -16.45 18.28
C GLU A 63 -25.51 -17.81 18.25
N PRO A 64 -25.74 -18.63 19.27
CA PRO A 64 -25.14 -19.98 19.38
C PRO A 64 -25.81 -21.02 18.49
N LEU A 65 -25.04 -21.59 17.57
CA LEU A 65 -25.53 -22.62 16.63
C LEU A 65 -24.77 -23.92 16.91
N PRO A 66 -25.23 -24.70 17.89
CA PRO A 66 -24.64 -25.97 18.33
C PRO A 66 -24.75 -27.13 17.34
N LEU A 67 -25.43 -26.90 16.23
CA LEU A 67 -25.61 -27.94 15.23
C LEU A 67 -24.62 -27.82 14.08
N LEU A 68 -24.01 -26.64 13.98
CA LEU A 68 -23.04 -26.36 12.92
C LEU A 68 -21.61 -26.20 13.46
N GLU A 69 -20.64 -26.64 12.67
CA GLU A 69 -19.22 -26.50 13.05
C GLU A 69 -18.81 -25.08 12.66
N ALA A 70 -17.82 -24.53 13.36
CA ALA A 70 -17.39 -23.19 13.05
C ALA A 70 -15.98 -23.22 12.51
N VAL A 71 -15.70 -22.34 11.55
CA VAL A 71 -14.38 -22.25 10.97
C VAL A 71 -13.84 -20.91 11.44
N TYR A 72 -12.71 -20.95 12.12
CA TYR A 72 -12.13 -19.74 12.65
C TYR A 72 -10.94 -19.26 11.87
N LEU A 73 -11.10 -18.10 11.24
CA LEU A 73 -10.01 -17.51 10.49
C LEU A 73 -9.74 -16.19 11.21
N ILE A 74 -8.93 -16.28 12.27
CA ILE A 74 -8.62 -15.11 13.06
C ILE A 74 -7.13 -14.87 13.25
N THR A 75 -6.82 -13.68 13.73
CA THR A 75 -5.43 -13.30 14.02
C THR A 75 -5.24 -13.73 15.48
N PRO A 76 -4.22 -14.56 15.74
CA PRO A 76 -3.91 -15.07 17.08
C PRO A 76 -3.55 -14.02 18.13
N THR A 77 -4.56 -13.35 18.68
CA THR A 77 -4.33 -12.34 19.70
C THR A 77 -4.98 -12.69 21.03
N GLU A 78 -4.72 -11.86 22.04
CA GLU A 78 -5.29 -12.07 23.36
C GLU A 78 -6.82 -12.12 23.18
N GLU A 79 -7.38 -11.07 22.58
CA GLU A 79 -8.83 -11.01 22.34
C GLU A 79 -9.34 -12.29 21.70
N SER A 80 -9.21 -12.33 20.38
CA SER A 80 -9.64 -13.46 19.57
C SER A 80 -9.52 -14.81 20.25
N VAL A 81 -8.33 -15.19 20.70
CA VAL A 81 -8.18 -16.48 21.35
C VAL A 81 -9.04 -16.58 22.59
N LYS A 82 -9.32 -15.44 23.20
CA LYS A 82 -10.16 -15.36 24.40
C LYS A 82 -11.61 -15.67 24.02
N CYS A 83 -12.10 -14.99 22.99
CA CYS A 83 -13.47 -15.21 22.51
C CYS A 83 -13.63 -16.66 22.07
N LEU A 84 -12.60 -17.21 21.44
CA LEU A 84 -12.62 -18.58 20.96
C LEU A 84 -12.93 -19.50 22.13
N MET A 85 -12.01 -19.57 23.08
CA MET A 85 -12.20 -20.43 24.25
C MET A 85 -13.50 -20.06 24.93
N ALA A 86 -13.95 -18.82 24.75
CA ALA A 86 -15.21 -18.37 25.34
C ALA A 86 -16.38 -19.12 24.71
N ASP A 87 -16.45 -19.11 23.38
CA ASP A 87 -17.53 -19.80 22.67
C ASP A 87 -17.69 -21.26 23.12
N PHE A 88 -16.61 -21.84 23.63
CA PHE A 88 -16.65 -23.23 24.09
C PHE A 88 -16.27 -23.27 25.56
N GLN A 89 -16.41 -22.12 26.21
CA GLN A 89 -16.07 -21.94 27.63
C GLN A 89 -16.60 -23.03 28.55
N ASN A 90 -17.63 -23.74 28.12
CA ASN A 90 -18.22 -24.81 28.92
C ASN A 90 -19.16 -25.68 28.10
N PRO A 91 -18.93 -27.00 28.09
CA PRO A 91 -19.73 -27.98 27.37
C PRO A 91 -21.24 -27.86 27.61
N ASP A 92 -22.02 -28.55 26.78
CA ASP A 92 -23.48 -28.53 26.86
C ASP A 92 -23.97 -27.13 26.50
N ASN A 93 -23.00 -26.29 26.17
CA ASN A 93 -23.25 -24.92 25.76
C ASN A 93 -22.33 -24.61 24.57
N PRO A 94 -21.82 -25.66 23.87
CA PRO A 94 -20.94 -25.34 22.74
C PRO A 94 -21.59 -24.28 21.87
N GLN A 95 -20.94 -23.13 21.75
CA GLN A 95 -21.46 -22.05 20.92
C GLN A 95 -21.70 -22.65 19.54
N TYR A 96 -20.83 -23.60 19.19
CA TYR A 96 -20.91 -24.27 17.91
C TYR A 96 -20.67 -25.76 18.18
N ARG A 97 -20.97 -26.60 17.19
CA ARG A 97 -20.80 -28.04 17.36
C ARG A 97 -19.35 -28.50 17.34
N GLY A 98 -18.48 -27.70 16.72
CA GLY A 98 -17.09 -28.06 16.64
C GLY A 98 -16.27 -26.86 16.27
N ALA A 99 -14.99 -27.07 15.96
CA ALA A 99 -14.12 -25.95 15.62
C ALA A 99 -12.97 -26.31 14.71
N HIS A 100 -12.86 -25.54 13.64
CA HIS A 100 -11.79 -25.70 12.68
C HIS A 100 -11.10 -24.34 12.84
N ILE A 101 -9.93 -24.36 13.46
CA ILE A 101 -9.19 -23.13 13.76
C ILE A 101 -7.99 -22.89 12.86
N PHE A 102 -7.98 -21.72 12.23
CA PHE A 102 -6.91 -21.33 11.33
C PHE A 102 -6.34 -19.97 11.70
N PHE A 103 -5.15 -19.98 12.30
CA PHE A 103 -4.50 -18.74 12.71
C PHE A 103 -3.79 -18.07 11.54
N THR A 104 -4.16 -16.81 11.31
CA THR A 104 -3.61 -16.01 10.22
C THR A 104 -2.10 -15.92 10.24
N GLU A 105 -1.53 -15.97 11.45
CA GLU A 105 -0.07 -15.91 11.61
C GLU A 105 0.26 -16.69 12.87
N ALA A 106 1.55 -16.97 13.07
CA ALA A 106 2.03 -17.72 14.23
C ALA A 106 1.38 -17.33 15.55
N CYS A 107 0.81 -18.32 16.22
CA CYS A 107 0.14 -18.14 17.49
C CYS A 107 1.12 -18.11 18.66
N PRO A 108 1.00 -17.14 19.56
CA PRO A 108 1.92 -17.11 20.70
C PRO A 108 1.70 -18.36 21.57
N GLU A 109 2.77 -19.10 21.81
CA GLU A 109 2.70 -20.34 22.58
C GLU A 109 2.10 -20.26 23.97
N GLU A 110 2.03 -19.06 24.55
CA GLU A 110 1.45 -18.90 25.88
C GLU A 110 -0.05 -19.17 25.72
N LEU A 111 -0.71 -18.38 24.87
CA LEU A 111 -2.13 -18.52 24.58
C LEU A 111 -2.35 -19.88 23.95
N PHE A 112 -1.40 -20.29 23.12
CA PHE A 112 -1.50 -21.58 22.46
C PHE A 112 -1.62 -22.66 23.52
N LYS A 113 -0.86 -22.48 24.60
CA LYS A 113 -0.86 -23.43 25.71
C LYS A 113 -2.20 -23.40 26.43
N GLU A 114 -2.61 -22.21 26.81
CA GLU A 114 -3.87 -21.99 27.50
C GLU A 114 -5.02 -22.61 26.72
N LEU A 115 -4.95 -22.51 25.39
CA LEU A 115 -5.98 -23.05 24.50
C LEU A 115 -5.96 -24.58 24.43
N CYS A 116 -4.78 -25.17 24.33
CA CYS A 116 -4.68 -26.62 24.25
C CYS A 116 -5.13 -27.30 25.53
N LYS A 117 -5.24 -26.51 26.59
CA LYS A 117 -5.66 -27.03 27.89
C LYS A 117 -7.04 -26.45 28.18
N SER A 118 -7.54 -25.67 27.24
CA SER A 118 -8.84 -25.02 27.38
C SER A 118 -9.97 -26.02 27.46
N THR A 119 -11.12 -25.48 27.80
CA THR A 119 -12.34 -26.26 27.91
C THR A 119 -12.75 -26.54 26.45
N THR A 120 -11.96 -25.95 25.55
CA THR A 120 -12.15 -26.02 24.09
C THR A 120 -11.39 -27.15 23.39
N ALA A 121 -10.46 -27.78 24.09
CA ALA A 121 -9.65 -28.85 23.52
C ALA A 121 -10.42 -29.99 22.85
N ARG A 122 -11.49 -30.43 23.49
CA ARG A 122 -12.31 -31.55 22.98
C ARG A 122 -13.10 -31.26 21.70
N PHE A 123 -13.20 -29.99 21.33
CA PHE A 123 -13.96 -29.58 20.15
C PHE A 123 -13.14 -29.29 18.89
N ILE A 124 -11.87 -28.98 19.08
CA ILE A 124 -10.98 -28.67 17.97
C ILE A 124 -10.84 -29.82 16.98
N LYS A 125 -11.34 -29.63 15.76
CA LYS A 125 -11.25 -30.64 14.70
C LYS A 125 -10.15 -30.31 13.70
N THR A 126 -9.69 -29.06 13.73
CA THR A 126 -8.63 -28.62 12.83
C THR A 126 -7.90 -27.51 13.55
N LEU A 127 -6.58 -27.56 13.48
CA LEU A 127 -5.75 -26.56 14.13
C LEU A 127 -4.51 -26.26 13.29
N LYS A 128 -4.55 -25.12 12.62
CA LYS A 128 -3.46 -24.73 11.75
C LYS A 128 -3.11 -23.24 11.75
N GLU A 129 -1.90 -22.96 11.30
CA GLU A 129 -1.40 -21.59 11.14
C GLU A 129 -1.24 -21.45 9.63
N ILE A 130 -1.95 -20.51 9.02
CA ILE A 130 -1.83 -20.36 7.57
C ILE A 130 -0.79 -19.35 7.11
N ASN A 131 -0.34 -18.49 8.02
CA ASN A 131 0.70 -17.49 7.70
C ASN A 131 0.36 -16.54 6.55
N ILE A 132 -0.46 -15.56 6.85
CA ILE A 132 -0.88 -14.55 5.89
C ILE A 132 -1.09 -13.27 6.68
N ALA A 133 0.02 -12.56 6.93
CA ALA A 133 -0.01 -11.32 7.72
C ALA A 133 0.26 -10.07 6.88
N PHE A 134 -0.54 -9.89 5.84
CA PHE A 134 -0.40 -8.75 4.94
C PHE A 134 -1.65 -8.69 4.08
N LEU A 135 -2.03 -7.49 3.65
CA LEU A 135 -3.20 -7.36 2.79
C LEU A 135 -2.78 -7.30 1.34
N PRO A 136 -3.40 -8.12 0.49
CA PRO A 136 -3.04 -8.07 -0.93
C PRO A 136 -3.84 -6.90 -1.50
N TYR A 137 -3.35 -5.69 -1.30
CA TYR A 137 -4.04 -4.50 -1.76
C TYR A 137 -4.34 -4.57 -3.26
N GLU A 138 -3.37 -5.06 -4.03
CA GLU A 138 -3.47 -5.21 -5.47
C GLU A 138 -2.63 -6.43 -5.89
N SER A 139 -2.70 -6.84 -7.15
CA SER A 139 -1.93 -8.00 -7.59
C SER A 139 -0.41 -7.79 -7.63
N GLN A 140 0.04 -6.59 -7.29
CA GLN A 140 1.45 -6.25 -7.32
C GLN A 140 1.82 -5.57 -6.02
N ILE A 141 0.81 -5.13 -5.27
CA ILE A 141 1.06 -4.41 -4.03
C ILE A 141 0.49 -4.98 -2.73
N PHE A 142 1.33 -5.10 -1.70
CA PHE A 142 0.86 -5.57 -0.41
C PHE A 142 1.05 -4.54 0.70
N SER A 143 0.21 -4.63 1.74
CA SER A 143 0.28 -3.71 2.85
C SER A 143 0.18 -4.45 4.19
N LEU A 144 0.95 -4.01 5.18
CA LEU A 144 0.97 -4.58 6.52
C LEU A 144 0.14 -3.70 7.44
N ASP A 145 -0.74 -2.90 6.84
CA ASP A 145 -1.58 -1.96 7.54
C ASP A 145 -1.06 -1.58 8.92
N SER A 146 0.19 -1.13 8.94
CA SER A 146 0.85 -0.75 10.19
C SER A 146 1.44 0.66 10.17
N PRO A 147 0.58 1.70 10.11
CA PRO A 147 1.03 3.09 10.08
C PRO A 147 1.82 3.52 11.31
N ASP A 148 1.65 2.80 12.40
CA ASP A 148 2.35 3.16 13.61
C ASP A 148 3.85 2.90 13.52
N THR A 149 4.26 2.01 12.61
CA THR A 149 5.67 1.69 12.43
C THR A 149 6.43 2.93 11.99
N PHE A 150 5.73 3.84 11.32
CA PHE A 150 6.32 5.09 10.86
C PHE A 150 6.86 5.82 12.08
N GLN A 151 6.04 5.89 13.13
CA GLN A 151 6.41 6.54 14.36
C GLN A 151 7.64 5.86 14.97
N VAL A 152 7.61 4.53 15.06
CA VAL A 152 8.73 3.77 15.61
C VAL A 152 10.05 4.10 14.89
N TYR A 153 9.97 4.27 13.57
CA TYR A 153 11.16 4.56 12.77
C TYR A 153 11.61 6.01 12.83
N TYR A 154 10.66 6.93 12.73
CA TYR A 154 10.99 8.35 12.67
C TYR A 154 10.85 9.24 13.92
N ASN A 155 10.24 8.73 14.97
CA ASN A 155 10.13 9.49 16.23
C ASN A 155 11.25 8.94 17.11
N PRO A 156 12.05 9.83 17.69
CA PRO A 156 13.16 9.38 18.55
C PRO A 156 12.75 8.66 19.83
N SER A 157 11.80 9.24 20.57
CA SER A 157 11.33 8.65 21.82
C SER A 157 10.89 7.19 21.64
N ARG A 158 10.37 6.91 20.45
CA ARG A 158 9.88 5.58 20.13
C ARG A 158 10.99 4.59 19.84
N ALA A 159 12.23 5.06 19.88
CA ALA A 159 13.40 4.23 19.62
C ALA A 159 13.22 2.79 20.07
N GLN A 160 13.41 2.56 21.37
CA GLN A 160 13.26 1.22 21.95
C GLN A 160 11.78 0.95 22.22
N GLY A 161 11.48 -0.27 22.63
CA GLY A 161 10.09 -0.62 22.87
C GLY A 161 9.48 -0.76 21.49
N GLY A 162 10.09 -0.09 20.52
CA GLY A 162 9.61 -0.16 19.15
C GLY A 162 10.09 -1.43 18.48
N ILE A 163 11.11 -2.04 19.07
CA ILE A 163 11.69 -3.27 18.55
C ILE A 163 10.71 -4.42 18.30
N PRO A 164 9.68 -4.58 19.14
CA PRO A 164 8.76 -5.69 18.84
C PRO A 164 7.87 -5.37 17.65
N ASN A 165 7.66 -4.07 17.43
CA ASN A 165 6.85 -3.58 16.30
C ASN A 165 7.61 -3.87 15.00
N LYS A 166 8.91 -3.58 15.01
CA LYS A 166 9.80 -3.80 13.87
C LYS A 166 10.08 -5.28 13.66
N GLU A 167 9.95 -6.07 14.72
CA GLU A 167 10.19 -7.51 14.63
C GLU A 167 8.96 -8.21 14.10
N ARG A 168 7.81 -7.59 14.34
CA ARG A 168 6.55 -8.15 13.88
C ARG A 168 6.52 -7.96 12.36
N CYS A 169 6.89 -6.77 11.92
CA CYS A 169 6.92 -6.44 10.50
C CYS A 169 7.78 -7.45 9.75
N ALA A 170 9.02 -7.61 10.23
CA ALA A 170 9.95 -8.53 9.63
C ALA A 170 9.30 -9.88 9.37
N GLU A 171 8.51 -10.34 10.34
CA GLU A 171 7.82 -11.62 10.24
C GLU A 171 6.67 -11.57 9.23
N GLN A 172 5.98 -10.44 9.15
CA GLN A 172 4.88 -10.32 8.21
C GLN A 172 5.42 -10.36 6.79
N ILE A 173 6.55 -9.69 6.59
CA ILE A 173 7.21 -9.63 5.28
C ILE A 173 7.56 -11.05 4.84
N ALA A 174 7.91 -11.89 5.81
CA ALA A 174 8.26 -13.29 5.54
C ALA A 174 7.02 -14.11 5.21
N THR A 175 5.87 -13.75 5.80
CA THR A 175 4.65 -14.49 5.52
C THR A 175 4.35 -14.28 4.05
N LEU A 176 4.62 -13.08 3.58
CA LEU A 176 4.39 -12.71 2.19
C LEU A 176 5.36 -13.47 1.27
N CYS A 177 6.62 -13.58 1.67
CA CYS A 177 7.58 -14.30 0.85
C CYS A 177 7.21 -15.77 0.85
N ALA A 178 7.01 -16.31 2.04
CA ALA A 178 6.62 -17.71 2.20
C ALA A 178 5.43 -18.01 1.31
N THR A 179 4.48 -17.08 1.27
CA THR A 179 3.28 -17.26 0.46
C THR A 179 3.59 -17.36 -1.04
N LEU A 180 4.65 -16.71 -1.51
CA LEU A 180 5.00 -16.80 -2.92
C LEU A 180 6.08 -17.86 -3.11
N GLY A 181 6.40 -18.58 -2.05
CA GLY A 181 7.43 -19.60 -2.14
C GLY A 181 8.74 -18.96 -2.55
N GLU A 182 8.98 -17.78 -2.00
CA GLU A 182 10.17 -17.00 -2.30
C GLU A 182 11.09 -16.90 -1.09
N TYR A 183 12.37 -17.12 -1.31
CA TYR A 183 13.37 -17.01 -0.26
C TYR A 183 14.43 -16.09 -0.86
N PRO A 184 14.03 -14.84 -1.16
CA PRO A 184 14.88 -13.81 -1.76
C PRO A 184 16.13 -13.43 -1.01
N SER A 185 16.98 -12.69 -1.70
CA SER A 185 18.24 -12.19 -1.15
C SER A 185 17.91 -10.82 -0.59
N VAL A 186 18.35 -10.57 0.63
CA VAL A 186 18.06 -9.28 1.24
C VAL A 186 19.06 -8.19 0.91
N ARG A 187 18.51 -7.04 0.50
CA ARG A 187 19.29 -5.85 0.18
C ARG A 187 18.66 -4.69 0.92
N TYR A 188 19.44 -3.67 1.26
CA TYR A 188 18.87 -2.51 1.97
C TYR A 188 19.61 -1.24 1.57
N ARG A 189 19.05 -0.08 1.89
CA ARG A 189 19.74 1.16 1.53
C ARG A 189 20.66 1.65 2.65
N SER A 190 21.95 1.39 2.47
CA SER A 190 23.02 1.74 3.41
C SER A 190 22.93 3.10 4.09
N ASP A 191 22.59 4.11 3.31
CA ASP A 191 22.54 5.46 3.83
C ASP A 191 21.61 5.79 5.00
N PHE A 192 20.78 4.84 5.42
CA PHE A 192 19.90 5.10 6.55
C PHE A 192 20.10 3.95 7.55
N ASP A 193 21.22 4.04 8.26
CA ASP A 193 21.67 3.08 9.26
C ASP A 193 20.66 2.13 9.89
N GLU A 194 19.46 2.63 10.18
CA GLU A 194 18.45 1.80 10.80
C GLU A 194 18.00 0.65 9.90
N ASN A 195 18.13 0.80 8.59
CA ASN A 195 17.72 -0.25 7.65
C ASN A 195 18.40 -1.59 7.94
N ALA A 196 19.72 -1.55 8.04
CA ALA A 196 20.50 -2.76 8.29
C ALA A 196 19.87 -3.64 9.35
N SER A 197 19.66 -3.07 10.54
CA SER A 197 19.05 -3.79 11.65
C SER A 197 17.73 -4.40 11.18
N PHE A 198 16.96 -3.62 10.45
CA PHE A 198 15.69 -4.10 9.94
C PHE A 198 15.89 -5.18 8.89
N ALA A 199 16.90 -4.99 8.04
CA ALA A 199 17.18 -5.96 7.00
C ALA A 199 17.50 -7.29 7.68
N GLN A 200 18.23 -7.22 8.79
CA GLN A 200 18.61 -8.41 9.53
C GLN A 200 17.36 -9.11 10.07
N LEU A 201 16.47 -8.34 10.70
CA LEU A 201 15.21 -8.88 11.24
C LEU A 201 14.50 -9.74 10.20
N VAL A 202 14.18 -9.11 9.07
CA VAL A 202 13.51 -9.79 7.97
C VAL A 202 14.23 -11.09 7.62
N GLN A 203 15.56 -11.02 7.49
CA GLN A 203 16.40 -12.18 7.15
C GLN A 203 16.16 -13.36 8.07
N GLN A 204 16.29 -13.12 9.37
CA GLN A 204 16.09 -14.17 10.35
C GLN A 204 14.73 -14.79 10.07
N LYS A 205 13.69 -14.00 10.25
CA LYS A 205 12.33 -14.46 10.02
C LYS A 205 12.16 -15.38 8.80
N LEU A 206 12.86 -15.10 7.70
CA LEU A 206 12.73 -15.96 6.52
C LEU A 206 13.48 -17.25 6.72
N ASP A 207 14.59 -17.17 7.43
CA ASP A 207 15.38 -18.36 7.69
C ASP A 207 14.49 -19.39 8.34
N ALA A 208 13.73 -18.96 9.34
CA ALA A 208 12.81 -19.85 10.05
C ALA A 208 11.94 -20.59 9.02
N TYR A 209 11.40 -19.86 8.06
CA TYR A 209 10.58 -20.48 7.03
C TYR A 209 11.37 -21.38 6.09
N ARG A 210 12.58 -20.96 5.74
CA ARG A 210 13.39 -21.78 4.86
C ARG A 210 13.81 -23.08 5.57
N ALA A 211 14.11 -22.97 6.86
CA ALA A 211 14.53 -24.11 7.66
C ALA A 211 13.39 -25.07 7.93
N ASP A 212 12.18 -24.52 7.93
CA ASP A 212 10.96 -25.26 8.19
C ASP A 212 10.26 -25.57 6.87
N ASP A 213 11.05 -25.78 5.82
CA ASP A 213 10.58 -26.07 4.46
C ASP A 213 11.64 -25.72 3.39
N PRO A 214 12.49 -26.70 3.04
CA PRO A 214 13.58 -26.57 2.05
C PRO A 214 13.23 -26.12 0.62
N THR A 215 12.03 -26.42 0.15
CA THR A 215 11.66 -26.03 -1.21
C THR A 215 11.32 -24.55 -1.36
N MET A 216 11.41 -23.79 -0.27
CA MET A 216 11.12 -22.37 -0.34
C MET A 216 12.18 -21.75 -1.27
N GLY A 217 11.71 -21.11 -2.33
CA GLY A 217 12.63 -20.50 -3.28
C GLY A 217 13.23 -21.55 -4.20
N GLU A 218 12.44 -22.59 -4.47
CA GLU A 218 12.84 -23.71 -5.32
C GLU A 218 13.12 -23.30 -6.77
N GLY A 219 14.25 -23.78 -7.27
CA GLY A 219 14.71 -23.56 -8.64
C GLY A 219 14.25 -22.39 -9.51
N PRO A 220 13.09 -22.51 -10.20
CA PRO A 220 12.44 -21.55 -11.10
C PRO A 220 12.85 -20.08 -11.01
N GLN A 221 14.14 -19.82 -11.18
CA GLN A 221 14.69 -18.48 -11.12
C GLN A 221 14.32 -17.76 -9.83
N LYS A 222 13.98 -18.54 -8.80
CA LYS A 222 13.63 -17.99 -7.49
C LYS A 222 14.89 -17.82 -6.65
N ASP A 223 16.03 -18.07 -7.29
CA ASP A 223 17.33 -17.96 -6.66
C ASP A 223 17.95 -16.61 -7.05
N ARG A 224 17.17 -15.82 -7.79
CA ARG A 224 17.62 -14.52 -8.25
C ARG A 224 16.77 -13.42 -7.64
N SER A 225 15.63 -13.82 -7.07
CA SER A 225 14.69 -12.90 -6.44
C SER A 225 15.42 -12.04 -5.43
N GLN A 226 14.94 -10.81 -5.25
CA GLN A 226 15.53 -9.90 -4.29
C GLN A 226 14.49 -9.11 -3.53
N LEU A 227 14.71 -8.96 -2.24
CA LEU A 227 13.82 -8.20 -1.36
C LEU A 227 14.64 -6.99 -0.93
N LEU A 228 14.42 -5.88 -1.59
CA LEU A 228 15.15 -4.67 -1.29
C LEU A 228 14.39 -3.80 -0.29
N ILE A 229 15.05 -3.51 0.83
CA ILE A 229 14.44 -2.70 1.88
C ILE A 229 14.79 -1.23 1.80
N LEU A 230 13.75 -0.40 1.84
CA LEU A 230 13.91 1.04 1.76
C LEU A 230 13.30 1.78 2.93
N ASP A 231 13.81 2.97 3.18
CA ASP A 231 13.28 3.83 4.23
C ASP A 231 12.55 4.95 3.48
N ARG A 232 11.46 5.44 4.04
CA ARG A 232 10.67 6.48 3.39
C ARG A 232 11.46 7.72 2.99
N GLY A 233 12.50 8.05 3.75
CA GLY A 233 13.30 9.20 3.38
C GLY A 233 14.13 9.00 2.13
N PHE A 234 13.98 7.86 1.45
CA PHE A 234 14.75 7.59 0.24
C PHE A 234 14.24 8.42 -0.94
N ASP A 235 13.03 8.97 -0.82
CA ASP A 235 12.46 9.81 -1.86
C ASP A 235 11.32 10.61 -1.26
N PRO A 236 11.63 11.78 -0.68
CA PRO A 236 10.59 12.63 -0.08
C PRO A 236 9.80 13.47 -1.09
N ILE A 237 10.24 13.47 -2.33
CA ILE A 237 9.52 14.24 -3.35
C ILE A 237 8.25 13.51 -3.77
N SER A 238 8.41 12.32 -4.34
CA SER A 238 7.29 11.52 -4.83
C SER A 238 6.02 11.49 -3.95
N PRO A 239 6.15 11.12 -2.67
CA PRO A 239 4.97 11.07 -1.81
C PRO A 239 4.36 12.42 -1.46
N LEU A 240 4.91 13.50 -2.00
CA LEU A 240 4.37 14.83 -1.74
C LEU A 240 3.62 15.40 -2.93
N LEU A 241 4.05 15.03 -4.14
CA LEU A 241 3.44 15.52 -5.38
C LEU A 241 2.00 15.20 -5.65
N HIS A 242 1.30 16.18 -6.23
CA HIS A 242 -0.09 16.02 -6.65
C HIS A 242 0.05 15.29 -7.97
N GLU A 243 -0.12 13.96 -7.95
CA GLU A 243 0.01 13.18 -9.16
C GLU A 243 -1.29 13.24 -9.97
N LEU A 244 -1.18 13.10 -11.30
CA LEU A 244 -2.34 13.19 -12.19
C LEU A 244 -2.81 11.91 -12.90
N THR A 245 -2.28 10.74 -12.53
CA THR A 245 -2.76 9.51 -13.13
C THR A 245 -3.98 9.22 -12.25
N PHE A 246 -5.00 8.60 -12.83
CA PHE A 246 -6.27 8.33 -12.13
C PHE A 246 -6.29 8.02 -10.64
N GLN A 247 -5.91 6.80 -10.29
CA GLN A 247 -5.92 6.39 -8.88
C GLN A 247 -5.22 7.38 -7.96
N ALA A 248 -3.92 7.58 -8.19
CA ALA A 248 -3.13 8.49 -7.37
C ALA A 248 -3.77 9.86 -7.19
N MET A 249 -4.43 10.34 -8.23
CA MET A 249 -5.05 11.65 -8.17
C MET A 249 -6.39 11.66 -7.45
N ALA A 250 -7.16 10.59 -7.59
CA ALA A 250 -8.46 10.55 -6.94
C ALA A 250 -8.33 10.45 -5.43
N TYR A 251 -7.44 9.59 -4.96
CA TYR A 251 -7.23 9.44 -3.51
C TYR A 251 -6.68 10.72 -2.86
N ASP A 252 -5.97 11.50 -3.66
CA ASP A 252 -5.36 12.73 -3.18
C ASP A 252 -6.33 13.89 -3.07
N LEU A 253 -7.11 14.11 -4.12
CA LEU A 253 -8.03 15.25 -4.11
C LEU A 253 -9.43 14.99 -3.57
N LEU A 254 -9.82 13.72 -3.50
CA LEU A 254 -11.14 13.36 -3.04
C LEU A 254 -11.13 12.59 -1.73
N PRO A 255 -12.29 12.52 -1.05
CA PRO A 255 -12.45 11.82 0.23
C PRO A 255 -12.85 10.35 0.03
N ILE A 256 -11.89 9.53 -0.37
CA ILE A 256 -12.15 8.12 -0.56
C ILE A 256 -11.62 7.42 0.69
N GLU A 257 -12.49 7.28 1.69
CA GLU A 257 -12.13 6.66 2.95
C GLU A 257 -12.21 5.14 2.80
N ASN A 258 -11.29 4.45 3.45
CA ASN A 258 -11.24 2.99 3.39
C ASN A 258 -11.54 2.41 2.01
N ASP A 259 -11.15 3.13 0.96
CA ASP A 259 -11.33 2.71 -0.43
C ASP A 259 -12.74 2.76 -1.01
N VAL A 260 -13.62 3.55 -0.40
CA VAL A 260 -14.98 3.68 -0.91
C VAL A 260 -15.26 5.13 -1.35
N TYR A 261 -15.70 5.25 -2.59
CA TYR A 261 -16.04 6.52 -3.21
C TYR A 261 -17.55 6.63 -3.29
N LYS A 262 -18.15 7.51 -2.49
CA LYS A 262 -19.60 7.65 -2.53
C LYS A 262 -20.12 8.72 -3.51
N TYR A 263 -20.95 8.25 -4.44
CA TYR A 263 -21.57 9.07 -5.48
C TYR A 263 -20.62 9.96 -6.27
N GLU A 275 -22.80 4.96 -3.39
CA GLU A 275 -21.39 4.78 -3.08
C GLU A 275 -20.81 3.47 -3.64
N VAL A 276 -19.53 3.52 -4.03
CA VAL A 276 -18.84 2.38 -4.62
C VAL A 276 -17.45 2.10 -4.04
N LEU A 277 -16.97 0.87 -4.20
CA LEU A 277 -15.66 0.48 -3.71
C LEU A 277 -14.66 0.34 -4.86
N LEU A 278 -13.52 1.01 -4.74
CA LEU A 278 -12.47 0.95 -5.75
C LEU A 278 -11.60 -0.27 -5.46
N ASP A 279 -11.92 -1.40 -6.10
CA ASP A 279 -11.21 -2.66 -5.90
C ASP A 279 -10.78 -3.25 -7.24
N GLU A 280 -9.88 -4.23 -7.24
CA GLU A 280 -9.44 -4.86 -8.48
C GLU A 280 -10.55 -5.74 -9.06
N LYS A 281 -11.55 -6.02 -8.24
CA LYS A 281 -12.68 -6.87 -8.64
C LYS A 281 -13.53 -6.05 -9.61
N ASP A 282 -13.26 -4.76 -9.66
CA ASP A 282 -13.99 -3.84 -10.53
C ASP A 282 -13.76 -4.15 -12.00
N ASP A 283 -12.55 -4.56 -12.35
CA ASP A 283 -12.22 -4.89 -13.73
C ASP A 283 -11.99 -3.67 -14.62
N LEU A 284 -12.91 -2.70 -14.58
CA LEU A 284 -12.73 -1.48 -15.39
C LEU A 284 -11.71 -0.61 -14.68
N TRP A 285 -11.86 -0.50 -13.36
CA TRP A 285 -10.96 0.27 -12.54
C TRP A 285 -9.53 -0.14 -12.89
N VAL A 286 -9.32 -1.44 -12.93
CA VAL A 286 -8.02 -2.00 -13.21
C VAL A 286 -7.48 -1.55 -14.56
N GLU A 287 -8.32 -0.96 -15.39
CA GLU A 287 -7.86 -0.53 -16.71
C GLU A 287 -7.64 0.98 -16.78
N MET A 288 -8.23 1.71 -15.83
CA MET A 288 -8.12 3.17 -15.80
C MET A 288 -7.22 3.68 -14.69
N ARG A 289 -7.15 2.95 -13.59
CA ARG A 289 -6.34 3.31 -12.42
C ARG A 289 -5.01 4.04 -12.66
N HIS A 290 -4.24 3.58 -13.64
CA HIS A 290 -2.93 4.18 -13.91
C HIS A 290 -2.94 5.21 -15.02
N GLN A 291 -4.03 5.29 -15.76
CA GLN A 291 -4.13 6.24 -16.85
C GLN A 291 -4.13 7.69 -16.38
N HIS A 292 -3.70 8.57 -17.27
CA HIS A 292 -3.63 10.00 -16.97
C HIS A 292 -4.98 10.66 -17.20
N ILE A 293 -5.50 11.32 -16.17
CA ILE A 293 -6.80 11.96 -16.24
C ILE A 293 -7.15 12.52 -17.61
N ALA A 294 -6.26 13.33 -18.17
CA ALA A 294 -6.44 13.95 -19.47
C ALA A 294 -7.25 13.07 -20.41
N VAL A 295 -6.98 11.77 -20.39
CA VAL A 295 -7.65 10.84 -21.28
C VAL A 295 -8.64 9.85 -20.64
N VAL A 296 -8.82 9.91 -19.33
CA VAL A 296 -9.70 8.96 -18.65
C VAL A 296 -11.17 9.04 -19.07
N SER A 297 -11.81 10.19 -18.87
CA SER A 297 -13.20 10.34 -19.29
C SER A 297 -13.32 9.92 -20.76
N GLN A 298 -12.41 10.45 -21.57
CA GLN A 298 -12.38 10.16 -22.98
C GLN A 298 -12.45 8.67 -23.28
N ASN A 299 -11.57 7.91 -22.64
CA ASN A 299 -11.51 6.48 -22.86
C ASN A 299 -12.55 5.64 -22.13
N VAL A 300 -13.11 6.15 -21.04
CA VAL A 300 -14.13 5.36 -20.35
C VAL A 300 -15.39 5.33 -21.21
N THR A 301 -15.76 6.48 -21.78
CA THR A 301 -16.93 6.57 -22.66
C THR A 301 -16.66 5.83 -23.96
N LYS A 302 -15.40 5.84 -24.39
CA LYS A 302 -15.06 5.12 -25.62
C LYS A 302 -15.23 3.64 -25.32
N LYS A 303 -15.03 3.29 -24.06
CA LYS A 303 -15.16 1.90 -23.63
C LYS A 303 -16.63 1.59 -23.35
N LEU A 304 -17.43 2.62 -23.12
CA LEU A 304 -18.86 2.43 -22.88
C LEU A 304 -19.52 2.18 -24.24
N LYS A 305 -19.02 2.90 -25.23
CA LYS A 305 -19.52 2.81 -26.60
C LYS A 305 -19.33 1.40 -27.18
N GLN A 306 -18.28 0.70 -26.75
CA GLN A 306 -18.03 -0.65 -27.24
C GLN A 306 -18.76 -1.71 -26.43
N PHE A 307 -19.42 -1.30 -25.37
CA PHE A 307 -20.18 -2.22 -24.54
C PHE A 307 -21.58 -2.30 -25.13
N ALA A 308 -22.19 -1.12 -25.29
CA ALA A 308 -23.53 -0.99 -25.83
C ALA A 308 -23.61 -1.49 -27.26
N ASP A 309 -22.56 -1.22 -28.04
CA ASP A 309 -22.55 -1.65 -29.43
C ASP A 309 -22.58 -3.17 -29.52
N GLU A 310 -22.67 -3.83 -28.37
CA GLU A 310 -22.73 -5.29 -28.34
C GLU A 310 -24.12 -5.76 -27.96
N LYS A 311 -25.11 -4.95 -28.35
CA LYS A 311 -26.53 -5.21 -28.11
C LYS A 311 -27.33 -3.92 -28.15
N ARG A 312 -26.98 -3.00 -27.24
CA ARG A 312 -27.60 -1.68 -27.08
C ARG A 312 -28.56 -1.66 -25.89
N GLY A 321 -29.06 11.20 -41.58
CA GLY A 321 -28.71 10.11 -40.68
C GLY A 321 -29.64 10.01 -39.49
N ILE A 322 -30.39 8.91 -39.40
CA ILE A 322 -31.34 8.71 -38.30
C ILE A 322 -30.88 7.70 -37.25
N LYS A 323 -30.89 8.16 -36.00
CA LYS A 323 -30.47 7.38 -34.83
C LYS A 323 -31.70 6.75 -34.13
N ASP A 324 -31.66 5.43 -33.87
CA ASP A 324 -32.77 4.74 -33.21
C ASP A 324 -32.47 4.35 -31.76
N LEU A 325 -33.12 5.04 -30.84
CA LEU A 325 -32.94 4.82 -29.41
C LEU A 325 -33.82 3.72 -28.82
N SER A 326 -34.46 2.91 -29.65
CA SER A 326 -35.33 1.84 -29.16
C SER A 326 -34.64 0.79 -28.32
N GLN A 327 -33.66 0.11 -28.92
CA GLN A 327 -32.92 -0.93 -28.22
C GLN A 327 -32.37 -0.46 -26.89
N MET A 328 -32.01 0.81 -26.83
CA MET A 328 -31.48 1.37 -25.60
C MET A 328 -32.55 1.27 -24.52
N LEU A 329 -33.69 1.89 -24.77
CA LEU A 329 -34.84 1.86 -23.85
C LEU A 329 -35.17 0.40 -23.48
N LYS A 330 -35.18 -0.45 -24.51
CA LYS A 330 -35.47 -1.87 -24.33
C LYS A 330 -34.52 -2.52 -23.34
N LYS A 331 -33.44 -3.06 -23.88
CA LYS A 331 -32.42 -3.76 -23.08
C LYS A 331 -31.52 -2.91 -22.20
N MET A 332 -32.09 -1.98 -21.45
CA MET A 332 -31.27 -1.14 -20.58
C MET A 332 -31.43 -1.53 -19.11
N PRO A 333 -32.67 -1.56 -18.60
CA PRO A 333 -32.87 -1.92 -17.19
C PRO A 333 -32.25 -3.29 -16.94
N GLN A 334 -31.98 -3.99 -18.04
CA GLN A 334 -31.40 -5.32 -18.03
C GLN A 334 -29.92 -5.30 -17.71
N TYR A 335 -29.28 -4.15 -17.92
CA TYR A 335 -27.85 -4.03 -17.66
C TYR A 335 -27.49 -2.93 -16.66
N GLN A 336 -28.48 -2.34 -16.01
CA GLN A 336 -28.23 -1.26 -15.05
C GLN A 336 -27.05 -1.59 -14.15
N LYS A 337 -26.92 -2.88 -13.85
CA LYS A 337 -25.88 -3.42 -12.98
C LYS A 337 -24.48 -3.27 -13.54
N GLU A 338 -24.37 -3.14 -14.86
CA GLU A 338 -23.07 -3.01 -15.51
C GLU A 338 -22.84 -1.60 -16.04
N LEU A 339 -23.90 -1.00 -16.56
CA LEU A 339 -23.82 0.35 -17.09
C LEU A 339 -23.48 1.30 -15.95
N SER A 340 -23.62 0.80 -14.74
CA SER A 340 -23.33 1.56 -13.52
C SER A 340 -21.83 1.76 -13.35
N LYS A 341 -21.05 0.75 -13.73
CA LYS A 341 -19.60 0.82 -13.63
C LYS A 341 -19.15 2.14 -14.22
N TYR A 342 -19.29 2.22 -15.55
CA TYR A 342 -18.96 3.40 -16.31
C TYR A 342 -19.45 4.69 -15.66
N SER A 343 -20.71 4.67 -15.24
CA SER A 343 -21.32 5.83 -14.59
C SER A 343 -20.41 6.43 -13.55
N THR A 344 -20.15 5.65 -12.51
CA THR A 344 -19.30 6.09 -11.41
C THR A 344 -17.90 6.55 -11.83
N HIS A 345 -17.29 5.83 -12.77
CA HIS A 345 -15.97 6.23 -13.22
C HIS A 345 -16.02 7.56 -13.93
N LEU A 346 -17.17 7.89 -14.51
CA LEU A 346 -17.34 9.17 -15.17
C LEU A 346 -17.50 10.23 -14.11
N HIS A 347 -18.08 9.82 -12.97
CA HIS A 347 -18.28 10.72 -11.84
C HIS A 347 -16.96 10.92 -11.10
N LEU A 348 -16.09 9.91 -11.20
CA LEU A 348 -14.81 9.96 -10.56
C LEU A 348 -13.89 10.92 -11.34
N ALA A 349 -13.87 10.74 -12.66
CA ALA A 349 -13.07 11.58 -13.53
C ALA A 349 -13.54 13.02 -13.34
N GLU A 350 -14.85 13.19 -13.29
CA GLU A 350 -15.45 14.50 -13.10
C GLU A 350 -14.91 15.14 -11.83
N ASP A 351 -15.14 14.46 -10.71
CA ASP A 351 -14.71 14.94 -9.41
C ASP A 351 -13.24 15.36 -9.40
N CYS A 352 -12.40 14.58 -10.07
CA CYS A 352 -10.97 14.89 -10.13
C CYS A 352 -10.70 16.18 -10.88
N MET A 353 -11.43 16.39 -11.97
CA MET A 353 -11.26 17.59 -12.77
C MET A 353 -11.86 18.79 -12.06
N LYS A 354 -13.03 18.61 -11.46
CA LYS A 354 -13.66 19.71 -10.74
C LYS A 354 -12.61 20.26 -9.78
N GLN A 355 -12.04 19.38 -8.97
CA GLN A 355 -11.02 19.74 -7.99
C GLN A 355 -9.79 20.38 -8.65
N TYR A 356 -9.31 19.77 -9.73
CA TYR A 356 -8.13 20.26 -10.45
C TYR A 356 -8.29 21.71 -10.86
N GLN A 357 -9.26 21.96 -11.75
CA GLN A 357 -9.52 23.29 -12.26
C GLN A 357 -9.65 24.35 -11.16
N GLN A 358 -10.25 23.95 -10.04
CA GLN A 358 -10.45 24.83 -8.90
C GLN A 358 -9.15 25.50 -8.42
N HIS A 359 -8.17 24.68 -8.03
CA HIS A 359 -6.92 25.21 -7.51
C HIS A 359 -5.65 24.43 -7.85
N VAL A 360 -5.78 23.13 -8.13
CA VAL A 360 -4.63 22.26 -8.40
C VAL A 360 -3.71 22.57 -9.57
N ASP A 361 -4.29 22.88 -10.72
CA ASP A 361 -3.50 23.20 -11.90
C ASP A 361 -2.28 24.02 -11.50
N LYS A 362 -2.57 25.19 -10.93
CA LYS A 362 -1.58 26.18 -10.47
C LYS A 362 -0.53 25.60 -9.51
N LEU A 363 -0.96 24.66 -8.68
CA LEU A 363 -0.09 24.01 -7.71
C LEU A 363 0.90 23.05 -8.37
N CYS A 364 0.45 22.35 -9.40
CA CYS A 364 1.29 21.40 -10.10
C CYS A 364 2.47 22.04 -10.79
N LYS A 365 2.23 23.16 -11.47
CA LYS A 365 3.32 23.81 -12.17
C LYS A 365 4.46 24.20 -11.24
N VAL A 366 4.13 24.67 -10.04
CA VAL A 366 5.19 25.00 -9.10
C VAL A 366 5.86 23.73 -8.62
N GLU A 367 5.05 22.74 -8.26
CA GLU A 367 5.56 21.47 -7.77
C GLU A 367 6.50 20.81 -8.77
N GLN A 368 6.11 20.81 -10.05
CA GLN A 368 6.95 20.19 -11.07
C GLN A 368 8.31 20.87 -11.18
N ASP A 369 8.33 22.20 -11.18
CA ASP A 369 9.58 22.94 -11.24
C ASP A 369 10.44 22.53 -10.07
N LEU A 370 9.87 22.59 -8.87
CA LEU A 370 10.59 22.24 -7.65
C LEU A 370 11.10 20.81 -7.64
N ALA A 371 10.25 19.86 -8.03
CA ALA A 371 10.63 18.45 -8.04
C ALA A 371 11.69 18.16 -9.12
N MET A 372 11.50 18.76 -10.28
CA MET A 372 12.41 18.58 -11.39
C MET A 372 13.72 19.32 -11.24
N GLY A 373 13.63 20.60 -10.86
CA GLY A 373 14.82 21.42 -10.69
C GLY A 373 14.98 22.26 -11.94
N THR A 374 14.34 21.77 -13.00
CA THR A 374 14.33 22.39 -14.31
C THR A 374 12.87 22.67 -14.64
N ASP A 375 12.64 23.62 -15.54
CA ASP A 375 11.27 23.97 -15.96
C ASP A 375 10.81 23.11 -17.11
N ALA A 376 9.68 23.48 -17.70
CA ALA A 376 9.13 22.73 -18.80
C ALA A 376 10.12 22.66 -19.96
N ASP A 377 10.82 23.76 -20.20
CA ASP A 377 11.79 23.83 -21.30
C ASP A 377 13.15 23.18 -21.02
N GLY A 378 13.30 22.56 -19.86
CA GLY A 378 14.54 21.89 -19.51
C GLY A 378 15.52 22.83 -18.85
N GLU A 379 15.03 24.02 -18.52
CA GLU A 379 15.88 25.03 -17.90
C GLU A 379 15.95 25.04 -16.39
N LYS A 380 17.17 25.11 -15.86
CA LYS A 380 17.36 25.16 -14.43
C LYS A 380 16.53 26.34 -13.95
N ILE A 381 15.66 26.10 -12.98
CA ILE A 381 14.80 27.17 -12.48
C ILE A 381 15.55 28.13 -11.56
N ARG A 382 14.94 29.29 -11.36
CA ARG A 382 15.48 30.35 -10.51
C ARG A 382 14.35 31.38 -10.30
N ASP A 383 14.45 32.22 -9.28
CA ASP A 383 13.41 33.21 -9.01
C ASP A 383 12.21 32.47 -8.39
N HIS A 384 12.52 31.46 -7.59
CA HIS A 384 11.51 30.62 -6.92
C HIS A 384 10.34 31.36 -6.29
N MET A 385 10.65 32.18 -5.29
CA MET A 385 9.63 32.93 -4.58
C MET A 385 8.61 33.61 -5.49
N ARG A 386 9.09 34.13 -6.61
CA ARG A 386 8.23 34.80 -7.58
C ARG A 386 6.95 34.00 -7.83
N ASN A 387 7.04 32.67 -7.67
CA ASN A 387 5.90 31.75 -7.86
C ASN A 387 5.38 31.12 -6.57
N ILE A 388 6.25 30.97 -5.59
CA ILE A 388 5.88 30.39 -4.30
C ILE A 388 4.94 31.30 -3.54
N VAL A 389 5.43 32.49 -3.18
CA VAL A 389 4.66 33.46 -2.42
C VAL A 389 3.23 33.71 -2.87
N PRO A 390 3.00 33.89 -4.18
CA PRO A 390 1.62 34.12 -4.61
C PRO A 390 0.64 33.02 -4.18
N ILE A 391 1.17 31.83 -3.93
CA ILE A 391 0.38 30.66 -3.50
C ILE A 391 0.21 30.75 -1.98
N LEU A 392 1.32 30.96 -1.29
CA LEU A 392 1.32 31.07 0.15
C LEU A 392 0.36 32.14 0.69
N LEU A 393 0.31 33.28 0.00
CA LEU A 393 -0.56 34.37 0.44
C LEU A 393 -2.00 34.27 -0.08
N ASP A 394 -2.31 33.15 -0.71
CA ASP A 394 -3.66 32.93 -1.20
C ASP A 394 -4.37 32.27 -0.01
N GLN A 395 -5.18 33.05 0.68
CA GLN A 395 -5.89 32.56 1.86
C GLN A 395 -6.91 31.47 1.51
N LYS A 396 -7.30 31.40 0.24
CA LYS A 396 -8.26 30.39 -0.20
C LYS A 396 -7.55 29.04 -0.42
N ILE A 397 -6.21 29.04 -0.44
CA ILE A 397 -5.47 27.79 -0.61
C ILE A 397 -5.25 27.11 0.75
N SER A 398 -5.40 25.79 0.77
CA SER A 398 -5.23 24.99 1.98
C SER A 398 -3.88 25.13 2.69
N ALA A 399 -3.85 24.71 3.96
CA ALA A 399 -2.66 24.79 4.79
C ALA A 399 -1.70 23.65 4.46
N TYR A 400 -2.27 22.50 4.15
CA TYR A 400 -1.46 21.36 3.82
C TYR A 400 -0.87 21.50 2.42
N ASP A 401 -1.60 22.15 1.51
CA ASP A 401 -1.08 22.35 0.16
C ASP A 401 0.18 23.20 0.24
N LYS A 402 0.11 24.26 1.05
CA LYS A 402 1.24 25.16 1.24
C LYS A 402 2.44 24.44 1.85
N ILE A 403 2.16 23.59 2.84
CA ILE A 403 3.20 22.82 3.53
C ILE A 403 3.92 21.95 2.52
N ARG A 404 3.14 21.37 1.61
CA ARG A 404 3.69 20.50 0.59
C ARG A 404 4.70 21.21 -0.30
N ILE A 405 4.36 22.39 -0.84
CA ILE A 405 5.34 23.08 -1.66
C ILE A 405 6.52 23.66 -0.86
N ILE A 406 6.32 23.95 0.44
CA ILE A 406 7.41 24.46 1.25
C ILE A 406 8.48 23.39 1.52
N LEU A 407 8.06 22.14 1.60
CA LEU A 407 8.98 21.04 1.81
C LEU A 407 9.66 20.78 0.49
N LEU A 408 8.87 20.79 -0.57
CA LEU A 408 9.41 20.58 -1.90
C LEU A 408 10.45 21.65 -2.11
N TYR A 409 10.11 22.89 -1.78
CA TYR A 409 11.06 23.98 -1.93
C TYR A 409 12.33 23.72 -1.12
N ILE A 410 12.17 23.39 0.15
CA ILE A 410 13.34 23.15 0.97
C ILE A 410 14.13 21.99 0.41
N ILE A 411 13.45 20.88 0.13
CA ILE A 411 14.11 19.70 -0.40
C ILE A 411 14.96 20.10 -1.59
N HIS A 412 14.40 20.89 -2.49
CA HIS A 412 15.12 21.36 -3.66
C HIS A 412 16.36 22.13 -3.22
N LYS A 413 16.17 23.13 -2.36
CA LYS A 413 17.28 23.94 -1.87
C LYS A 413 18.28 23.13 -1.05
N GLY A 414 17.90 21.93 -0.66
CA GLY A 414 18.78 21.08 0.12
C GLY A 414 19.01 21.65 1.51
N GLY A 415 17.95 22.19 2.10
CA GLY A 415 18.06 22.78 3.42
C GLY A 415 17.88 24.28 3.38
N ILE A 416 17.25 24.82 4.42
CA ILE A 416 17.00 26.25 4.52
C ILE A 416 17.47 26.73 5.90
N SER A 417 17.48 28.03 6.14
CA SER A 417 17.90 28.54 7.44
C SER A 417 16.68 28.70 8.33
N GLU A 418 16.90 28.66 9.63
CA GLU A 418 15.83 28.85 10.60
C GLU A 418 15.06 30.11 10.20
N GLU A 419 15.85 31.10 9.79
CA GLU A 419 15.39 32.40 9.37
C GLU A 419 14.35 32.38 8.25
N ASN A 420 14.66 31.70 7.15
CA ASN A 420 13.73 31.63 6.03
C ASN A 420 12.54 30.73 6.26
N LEU A 421 12.75 29.63 6.98
CA LEU A 421 11.63 28.75 7.28
C LEU A 421 10.66 29.69 7.98
N ALA A 422 11.20 30.46 8.90
CA ALA A 422 10.41 31.42 9.66
C ALA A 422 9.58 32.32 8.73
N LYS A 423 10.20 32.82 7.66
CA LYS A 423 9.49 33.70 6.73
C LYS A 423 8.37 33.03 5.93
N LEU A 424 8.53 31.74 5.64
CA LEU A 424 7.53 31.00 4.89
C LEU A 424 6.36 30.60 5.79
N VAL A 425 6.66 30.19 7.03
CA VAL A 425 5.61 29.81 7.96
C VAL A 425 4.72 31.01 8.22
N GLN A 426 5.26 32.20 8.00
CA GLN A 426 4.52 33.44 8.18
C GLN A 426 3.58 33.73 7.03
N HIS A 427 4.14 33.85 5.83
CA HIS A 427 3.36 34.13 4.63
C HIS A 427 2.22 33.13 4.38
N ALA A 428 2.38 31.90 4.82
CA ALA A 428 1.36 30.88 4.62
C ALA A 428 0.34 30.89 5.74
N HIS A 429 0.76 31.40 6.89
CA HIS A 429 -0.09 31.48 8.07
C HIS A 429 -0.47 30.09 8.56
N ILE A 430 0.53 29.27 8.82
CA ILE A 430 0.33 27.91 9.28
C ILE A 430 0.36 27.82 10.80
N PRO A 431 -0.67 27.21 11.41
CA PRO A 431 -0.73 27.09 12.87
C PRO A 431 0.57 26.44 13.34
N ALA A 432 1.23 27.04 14.32
CA ALA A 432 2.50 26.53 14.83
C ALA A 432 2.41 25.07 15.25
N GLU A 433 1.24 24.46 15.03
CA GLU A 433 1.00 23.06 15.35
C GLU A 433 1.34 22.26 14.10
N GLU A 434 0.99 22.82 12.95
CA GLU A 434 1.25 22.19 11.66
C GLU A 434 2.62 22.65 11.15
N LYS A 435 3.27 23.53 11.91
CA LYS A 435 4.56 24.08 11.55
C LYS A 435 5.71 23.08 11.75
N TRP A 436 5.55 22.18 12.72
CA TRP A 436 6.57 21.18 13.01
C TRP A 436 6.59 20.03 12.00
N ILE A 437 5.51 19.91 11.24
CA ILE A 437 5.41 18.88 10.23
C ILE A 437 6.59 19.06 9.27
N ILE A 438 7.03 20.30 9.08
CA ILE A 438 8.16 20.59 8.21
C ILE A 438 9.39 20.03 8.90
N ASN A 439 9.76 20.72 9.98
CA ASN A 439 10.91 20.39 10.79
C ASN A 439 11.13 18.91 11.00
N ASP A 440 10.04 18.18 11.29
CA ASP A 440 10.12 16.74 11.53
C ASP A 440 10.56 15.87 10.34
N MET A 441 10.22 16.29 9.13
CA MET A 441 10.60 15.56 7.92
C MET A 441 12.09 15.18 8.06
N GLN A 442 12.82 16.07 8.72
CA GLN A 442 14.24 15.93 8.94
C GLN A 442 14.62 14.62 9.62
N ASN A 443 13.66 14.01 10.31
CA ASN A 443 13.94 12.76 11.00
C ASN A 443 14.01 11.58 10.04
N LEU A 444 13.58 11.77 8.80
CA LEU A 444 13.64 10.69 7.83
C LEU A 444 14.97 10.79 7.12
N GLY A 445 15.71 11.84 7.45
CA GLY A 445 17.01 12.04 6.85
C GLY A 445 17.03 13.12 5.78
N VAL A 446 15.89 13.75 5.53
CA VAL A 446 15.84 14.79 4.52
C VAL A 446 16.43 16.06 5.11
N PRO A 447 17.20 16.81 4.31
CA PRO A 447 17.82 18.06 4.77
C PRO A 447 16.86 19.25 4.71
N ILE A 448 16.44 19.78 5.85
CA ILE A 448 15.56 20.93 5.83
C ILE A 448 16.13 22.17 6.55
N ILE A 449 16.92 21.96 7.59
CA ILE A 449 17.55 23.08 8.31
C ILE A 449 19.01 23.19 7.94
N GLN A 450 19.28 24.14 7.04
CA GLN A 450 20.60 24.47 6.47
C GLN A 450 21.81 23.88 7.20
N ASP A 451 22.74 24.75 7.61
CA ASP A 451 23.98 24.35 8.27
C ASP A 451 23.91 23.10 9.13
N GLY A 452 23.11 23.16 10.20
CA GLY A 452 22.98 22.02 11.08
C GLY A 452 24.32 21.75 11.75
N GLY A 453 25.37 22.37 11.23
CA GLY A 453 26.71 22.19 11.78
C GLY A 453 27.23 20.78 11.60
N ARG A 454 26.40 19.92 11.01
CA ARG A 454 26.76 18.52 10.79
C ARG A 454 27.34 18.31 9.39
N ARG A 455 27.17 17.10 8.85
CA ARG A 455 27.67 16.77 7.51
C ARG A 455 26.55 16.83 6.46
N LYS A 456 26.95 17.08 5.21
CA LYS A 456 26.03 17.20 4.07
C LYS A 456 25.23 15.92 3.80
N ILE A 457 23.91 16.05 3.69
CA ILE A 457 23.03 14.90 3.43
C ILE A 457 22.84 14.63 1.95
N PRO A 458 23.13 13.40 1.51
CA PRO A 458 22.96 13.06 0.09
C PRO A 458 21.49 12.99 -0.32
N GLN A 459 21.19 13.48 -1.51
CA GLN A 459 19.82 13.46 -2.00
C GLN A 459 19.76 12.75 -3.33
N PRO A 460 19.81 11.41 -3.32
CA PRO A 460 19.77 10.52 -4.48
C PRO A 460 18.60 10.73 -5.43
N TYR A 461 17.44 11.01 -4.86
CA TYR A 461 16.20 11.21 -5.59
C TYR A 461 16.09 12.46 -6.46
N HIS A 462 17.11 13.32 -6.45
CA HIS A 462 17.06 14.52 -7.29
C HIS A 462 17.44 14.14 -8.71
N THR A 463 16.77 14.73 -9.69
CA THR A 463 17.00 14.40 -11.08
C THR A 463 18.43 14.57 -11.51
N HIS A 464 19.11 15.58 -11.01
CA HIS A 464 20.51 15.79 -11.39
C HIS A 464 21.46 14.74 -10.84
N ASN A 465 20.95 13.87 -9.96
CA ASN A 465 21.76 12.80 -9.36
C ASN A 465 21.33 11.44 -9.88
N ARG A 466 20.26 11.43 -10.66
CA ARG A 466 19.70 10.20 -11.22
C ARG A 466 20.05 10.07 -12.70
N LYS A 467 19.93 8.86 -13.24
CA LYS A 467 20.22 8.64 -14.65
C LYS A 467 19.36 9.59 -15.45
N GLU A 468 19.83 9.94 -16.64
CA GLU A 468 19.12 10.85 -17.52
C GLU A 468 17.88 10.22 -18.11
N ARG A 469 16.83 11.02 -18.27
CA ARG A 469 15.56 10.59 -18.86
C ARG A 469 15.19 11.57 -19.98
N GLN A 470 14.48 11.10 -21.00
CA GLN A 470 14.16 12.00 -22.10
C GLN A 470 13.26 13.15 -21.68
N ALA A 471 13.62 14.35 -22.13
CA ALA A 471 12.89 15.56 -21.79
C ALA A 471 11.56 15.75 -22.54
N ASP A 472 11.01 14.69 -23.12
CA ASP A 472 9.72 14.82 -23.80
C ASP A 472 8.66 14.21 -22.88
N HIS A 473 7.90 15.09 -22.25
CA HIS A 473 6.85 14.68 -21.33
C HIS A 473 5.61 14.94 -22.11
N THR A 474 4.77 13.95 -22.29
CA THR A 474 3.57 14.18 -23.07
C THR A 474 2.62 15.16 -22.37
N TYR A 475 2.92 15.50 -21.10
CA TYR A 475 2.12 16.46 -20.31
C TYR A 475 3.05 17.32 -19.47
N GLN A 476 2.82 18.63 -19.49
CA GLN A 476 3.68 19.55 -18.75
C GLN A 476 3.64 19.44 -17.24
N MET A 477 2.48 19.07 -16.70
CA MET A 477 2.32 18.95 -15.26
C MET A 477 2.66 17.58 -14.72
N SER A 478 3.08 16.68 -15.60
CA SER A 478 3.45 15.32 -15.24
C SER A 478 4.82 14.98 -15.81
N ARG A 479 5.87 15.63 -15.30
CA ARG A 479 7.23 15.42 -15.77
C ARG A 479 8.03 14.53 -14.84
N TRP A 480 7.66 14.54 -13.57
CA TRP A 480 8.35 13.76 -12.54
C TRP A 480 8.17 12.25 -12.60
N THR A 481 9.28 11.55 -12.45
CA THR A 481 9.34 10.10 -12.43
C THR A 481 9.82 9.72 -11.04
N PRO A 482 9.07 8.84 -10.34
CA PRO A 482 9.45 8.41 -9.00
C PRO A 482 10.85 7.78 -8.97
N TYR A 483 11.67 8.17 -8.01
CA TYR A 483 13.02 7.62 -7.92
C TYR A 483 12.91 6.10 -7.71
N MET A 484 11.75 5.68 -7.25
CA MET A 484 11.43 4.28 -7.00
C MET A 484 11.64 3.47 -8.30
N LYS A 485 11.08 3.98 -9.39
CA LYS A 485 11.18 3.36 -10.71
C LYS A 485 12.63 3.16 -11.15
N ASP A 486 13.48 4.17 -10.92
CA ASP A 486 14.91 4.06 -11.24
C ASP A 486 15.46 2.84 -10.51
N ILE A 487 15.14 2.74 -9.23
CA ILE A 487 15.59 1.61 -8.44
C ILE A 487 15.14 0.30 -9.09
N MET A 488 13.85 0.25 -9.42
CA MET A 488 13.26 -0.92 -10.03
C MET A 488 13.94 -1.36 -11.32
N GLU A 489 14.07 -0.44 -12.27
CA GLU A 489 14.68 -0.74 -13.55
C GLU A 489 16.15 -1.16 -13.41
N ALA A 490 16.87 -0.53 -12.49
CA ALA A 490 18.27 -0.88 -12.30
C ALA A 490 18.43 -2.28 -11.72
N ALA A 491 17.63 -2.60 -10.71
CA ALA A 491 17.69 -3.91 -10.05
C ALA A 491 17.30 -5.03 -11.01
N VAL A 492 16.19 -4.82 -11.70
CA VAL A 492 15.68 -5.81 -12.63
C VAL A 492 16.69 -6.13 -13.73
N GLU A 493 17.68 -5.26 -13.93
CA GLU A 493 18.71 -5.48 -14.94
C GLU A 493 20.02 -5.79 -14.25
N ASP A 494 19.99 -5.91 -12.93
CA ASP A 494 21.17 -6.20 -12.15
C ASP A 494 22.19 -5.08 -12.13
N LYS A 495 21.74 -3.86 -12.37
CA LYS A 495 22.62 -2.72 -12.37
C LYS A 495 22.29 -1.84 -11.16
N LEU A 496 21.94 -2.46 -10.03
CA LEU A 496 21.61 -1.70 -8.83
C LEU A 496 22.85 -1.64 -7.96
N ASP A 497 23.34 -0.43 -7.75
CA ASP A 497 24.55 -0.17 -6.99
C ASP A 497 24.63 -0.79 -5.61
N THR A 498 25.53 -1.74 -5.43
CA THR A 498 25.67 -2.40 -4.14
C THR A 498 26.26 -1.47 -3.10
N ARG A 499 26.93 -0.41 -3.56
CA ARG A 499 27.55 0.57 -2.68
C ARG A 499 26.47 1.33 -1.88
N HIS A 500 25.25 1.32 -2.41
CA HIS A 500 24.13 2.00 -1.75
C HIS A 500 23.01 1.04 -1.44
N TYR A 501 23.04 -0.12 -2.09
CA TYR A 501 22.03 -1.12 -1.91
C TYR A 501 22.67 -2.47 -1.74
N PRO A 502 23.55 -2.58 -0.74
CA PRO A 502 24.25 -3.82 -0.46
C PRO A 502 23.32 -4.97 -0.09
N PHE A 503 23.91 -6.15 0.00
CA PHE A 503 23.24 -7.39 0.39
C PHE A 503 23.69 -7.53 1.84
N LEU A 504 22.81 -7.96 2.75
CA LEU A 504 23.31 -8.09 4.12
C LEU A 504 24.29 -9.26 4.22
N ASN A 505 24.40 -10.03 3.14
CA ASN A 505 25.31 -11.17 3.11
C ASN A 505 26.51 -10.94 2.19
N GLY A 506 26.44 -9.87 1.40
CA GLY A 506 27.52 -9.54 0.47
C GLY A 506 27.44 -10.31 -0.83
N GLY A 507 28.03 -9.74 -1.88
CA GLY A 507 28.02 -10.41 -3.17
C GLY A 507 26.74 -10.25 -3.99
N GLY A 508 25.96 -11.34 -4.08
CA GLY A 508 24.72 -11.30 -4.84
C GLY A 508 24.92 -11.15 -6.34
N LYS A 534 4.95 -18.89 -14.16
CA LYS A 534 5.55 -20.13 -13.68
C LYS A 534 6.98 -19.87 -13.23
N SER A 535 7.29 -18.60 -12.98
CA SER A 535 8.64 -18.19 -12.53
C SER A 535 8.76 -16.67 -12.24
N GLY A 536 9.93 -16.28 -11.77
CA GLY A 536 10.22 -14.89 -11.49
C GLY A 536 11.27 -14.50 -12.51
N PRO A 537 12.40 -13.90 -12.11
CA PRO A 537 12.73 -13.58 -10.71
C PRO A 537 11.78 -12.49 -10.22
N ARG A 538 11.65 -12.38 -8.91
CA ARG A 538 10.79 -11.38 -8.31
C ARG A 538 11.58 -10.32 -7.54
N LEU A 539 11.16 -9.08 -7.71
CA LEU A 539 11.80 -7.99 -7.00
C LEU A 539 10.80 -7.50 -5.97
N ILE A 540 11.00 -7.94 -4.74
CA ILE A 540 10.12 -7.54 -3.66
C ILE A 540 10.73 -6.30 -3.02
N ILE A 541 10.04 -5.17 -3.12
CA ILE A 541 10.53 -3.95 -2.52
C ILE A 541 9.59 -3.60 -1.37
N PHE A 542 10.15 -3.36 -0.19
CA PHE A 542 9.34 -2.99 0.96
C PHE A 542 9.80 -1.63 1.48
N VAL A 543 8.87 -0.73 1.73
CA VAL A 543 9.23 0.58 2.23
C VAL A 543 8.61 0.79 3.61
N VAL A 544 9.47 0.97 4.61
CA VAL A 544 8.98 1.21 5.96
C VAL A 544 8.74 2.71 6.02
N GLY A 545 7.47 3.09 6.06
CA GLY A 545 7.13 4.50 6.08
C GLY A 545 6.07 4.80 5.03
N GLY A 546 5.49 3.76 4.45
CA GLY A 546 4.45 3.93 3.43
C GLY A 546 4.89 4.01 1.98
N ILE A 547 3.92 4.00 1.07
CA ILE A 547 4.20 4.10 -0.36
C ILE A 547 3.08 4.90 -1.01
N SER A 548 3.40 5.63 -2.08
CA SER A 548 2.39 6.43 -2.77
C SER A 548 1.78 5.69 -3.94
N TYR A 549 0.75 6.28 -4.52
CA TYR A 549 0.11 5.65 -5.63
C TYR A 549 0.96 5.72 -6.90
N SER A 550 1.86 6.69 -6.94
CA SER A 550 2.75 6.88 -8.08
C SER A 550 3.85 5.82 -8.05
N GLU A 551 4.11 5.26 -6.89
CA GLU A 551 5.14 4.22 -6.79
C GLU A 551 4.48 2.88 -7.10
N MET A 552 3.26 2.70 -6.61
CA MET A 552 2.49 1.50 -6.86
C MET A 552 2.28 1.46 -8.37
N ARG A 553 2.11 2.62 -8.97
CA ARG A 553 1.93 2.68 -10.43
C ARG A 553 3.22 2.29 -11.20
N SER A 554 4.37 2.59 -10.62
CA SER A 554 5.65 2.28 -11.25
C SER A 554 5.98 0.80 -11.19
N ALA A 555 5.46 0.11 -10.18
CA ALA A 555 5.73 -1.31 -10.03
C ALA A 555 5.11 -2.06 -11.21
N TYR A 556 3.92 -1.65 -11.61
CA TYR A 556 3.24 -2.25 -12.75
C TYR A 556 3.99 -1.88 -14.03
N GLU A 557 4.29 -0.59 -14.17
CA GLU A 557 5.02 -0.07 -15.31
C GLU A 557 6.30 -0.89 -15.56
N VAL A 558 7.21 -0.87 -14.61
CA VAL A 558 8.46 -1.61 -14.75
C VAL A 558 8.20 -3.06 -15.11
N THR A 559 7.16 -3.66 -14.54
CA THR A 559 6.87 -5.07 -14.80
C THR A 559 6.30 -5.35 -16.20
N GLN A 560 5.28 -4.59 -16.59
CA GLN A 560 4.66 -4.81 -17.88
C GLN A 560 5.51 -4.34 -19.04
N THR A 561 6.82 -4.37 -18.88
CA THR A 561 7.68 -3.93 -19.97
C THR A 561 9.15 -4.23 -19.80
N ALA A 562 9.78 -3.59 -18.82
CA ALA A 562 11.21 -3.77 -18.55
C ALA A 562 11.54 -5.24 -18.21
N LYS A 563 10.66 -6.13 -18.68
CA LYS A 563 10.78 -7.56 -18.47
C LYS A 563 12.15 -8.21 -18.72
N ASN A 564 12.23 -9.44 -18.24
CA ASN A 564 13.37 -10.35 -18.34
C ASN A 564 12.79 -11.56 -17.64
N ASN A 565 11.48 -11.47 -17.45
CA ASN A 565 10.63 -12.46 -16.80
C ASN A 565 10.32 -11.96 -15.40
N TRP A 566 11.01 -10.89 -15.01
CA TRP A 566 10.87 -10.26 -13.69
C TRP A 566 9.50 -9.72 -13.36
N GLU A 567 9.10 -9.89 -12.10
CA GLU A 567 7.83 -9.39 -11.62
C GLU A 567 8.12 -8.59 -10.36
N VAL A 568 7.77 -7.30 -10.40
CA VAL A 568 8.01 -6.39 -9.29
C VAL A 568 6.85 -6.26 -8.32
N ILE A 569 7.04 -6.75 -7.10
CA ILE A 569 6.03 -6.66 -6.04
C ILE A 569 6.47 -5.59 -5.06
N LEU A 570 5.60 -4.62 -4.80
CA LEU A 570 5.88 -3.53 -3.88
C LEU A 570 5.00 -3.54 -2.65
N GLY A 571 5.63 -3.62 -1.47
CA GLY A 571 4.91 -3.60 -0.21
C GLY A 571 5.40 -2.57 0.78
N SER A 572 4.52 -2.17 1.67
CA SER A 572 4.89 -1.16 2.66
C SER A 572 4.12 -1.32 3.96
N THR A 573 4.59 -0.64 4.99
CA THR A 573 3.91 -0.66 6.28
C THR A 573 2.47 -0.16 6.05
N HIS A 574 2.33 0.93 5.30
CA HIS A 574 0.99 1.46 5.01
C HIS A 574 0.93 2.20 3.66
N ILE A 575 -0.28 2.37 3.13
CA ILE A 575 -0.46 3.08 1.86
C ILE A 575 -0.53 4.58 2.12
N LEU A 576 0.36 5.33 1.48
CA LEU A 576 0.40 6.78 1.66
C LEU A 576 -0.53 7.62 0.82
N THR A 577 -0.59 8.88 1.16
CA THR A 577 -1.36 9.88 0.47
C THR A 577 -0.60 11.14 0.83
N PRO A 578 -0.56 12.12 -0.06
CA PRO A 578 0.19 13.32 0.33
C PRO A 578 -0.18 13.78 1.74
N GLU A 579 -1.41 14.24 1.91
CA GLU A 579 -1.86 14.71 3.22
C GLU A 579 -1.58 13.70 4.33
N GLY A 580 -1.87 12.43 4.08
CA GLY A 580 -1.63 11.38 5.06
C GLY A 580 -0.18 11.34 5.53
N LEU A 581 0.77 11.49 4.61
CA LEU A 581 2.17 11.47 4.99
C LEU A 581 2.40 12.65 5.93
N LEU A 582 1.81 13.79 5.60
CA LEU A 582 1.92 14.99 6.42
C LEU A 582 1.41 14.69 7.82
N ARG A 583 0.33 13.92 7.90
CA ARG A 583 -0.22 13.52 9.18
C ARG A 583 0.79 12.66 9.90
N ASP A 584 1.32 11.65 9.21
CA ASP A 584 2.32 10.81 9.83
C ASP A 584 3.43 11.72 10.39
N LEU A 585 3.85 12.69 9.58
CA LEU A 585 4.88 13.64 10.00
C LEU A 585 4.39 14.43 11.20
N ARG A 586 3.08 14.57 11.30
CA ARG A 586 2.46 15.32 12.40
C ARG A 586 2.75 14.69 13.75
N LYS A 587 2.36 13.42 13.89
CA LYS A 587 2.50 12.64 15.13
C LYS A 587 3.90 12.46 15.75
N ILE A 588 4.94 12.99 15.12
CA ILE A 588 6.26 12.82 15.72
C ILE A 588 6.45 13.90 16.78
N SER A 589 6.20 15.14 16.39
CA SER A 589 6.31 16.27 17.31
C SER A 589 4.92 16.65 17.78
N ASN A 590 4.05 15.64 17.94
CA ASN A 590 2.68 15.89 18.34
C ASN A 590 1.89 14.58 18.28
N PRO A 591 2.36 13.55 18.99
CA PRO A 591 1.71 12.24 19.02
C PRO A 591 0.19 12.30 19.04
#